data_1GAH
#
_entry.id   1GAH
#
_cell.length_a   116.800
_cell.length_b   104.100
_cell.length_c   48.400
_cell.angle_alpha   90.00
_cell.angle_beta   90.00
_cell.angle_gamma   90.00
#
_symmetry.space_group_name_H-M   'P 21 21 21'
#
loop_
_entity.id
_entity.type
_entity.pdbx_description
1 polymer GLUCOAMYLASE-471
2 branched alpha-D-mannopyranose-(1-2)-alpha-D-mannopyranose-(1-3)-beta-D-mannopyranose-(1-4)-2-acetamido-2-deoxy-beta-D-glucopyranose-(1-4)-2-acetamido-2-deoxy-beta-D-glucopyranose
3 branched alpha-D-mannopyranose-(1-2)-alpha-D-mannopyranose-(1-2)-alpha-D-mannopyranose-(1-3)-[alpha-D-mannopyranose-(1-3)-[alpha-D-mannopyranose-(1-6)]alpha-D-mannopyranose-(1-6)]beta-D-mannopyranose-(1-4)-2-acetamido-2-deoxy-beta-D-glucopyranose-(1-4)-2-acetamido-2-deoxy-beta-D-glucopyranose
4 branched 4,6-dideoxy-4-{[(1S,4R,5S,6S)-4,5,6-trihydroxy-3-(hydroxymethyl)cyclohex-2-en-1-yl]amino}-alpha-D-glucopyranose-(1-4)-alpha-D-glucopyranose-(1-4)-alpha-D-glucopyranose
5 non-polymer alpha-D-mannopyranose
6 water water
#
_entity_poly.entity_id   1
_entity_poly.type   'polypeptide(L)'
_entity_poly.pdbx_seq_one_letter_code
;ATLDSWLSNEATVARTAILNNIGADGAWVSGADSGIVVASPSTDNPDYFYTWTRDSGLVIKTLVDLFRNGDTDLLSTIEH
YISSQAIIQGVSNPSGDLSSGGLGEPKFNVDETAYTGSWGRPQRDGPALRATAMIGFGQWLLDNGYTSAATEIVWPLVRN
DLSYVAQYWNQTGYDLWEEVNGSSFFTIAVQHRALVEGSAFATAVGSSCSWCDSQAPQILCYLQSFWTGSYILANFDSSR
SGKDTNTLLGSIHTFDPEAGCDDSTFQPCSPRALANHKEVVDSFRSIYTLNDGLSDSEAVAVGRYPEDSYYNGNPWFLCT
LAAAEQLYDALYQWDKQGSLEITDVSLDFFKALYSGAATGTYSSSSSTYSSIVSAVKTFADGFVSIVETHAASNGSLSEQ
FDKSDGDELSARDLTWSYAALLTANNRRNSVVPPSWGETSASSVPGTCAATSASGTYSSVTVTSWPSIVAT
;
_entity_poly.pdbx_strand_id   A
#
# COMPACT_ATOMS: atom_id res chain seq x y z
N ALA A 1 20.72 -0.76 -18.56
CA ALA A 1 21.19 0.64 -18.38
C ALA A 1 21.76 0.80 -16.96
N THR A 2 22.07 2.03 -16.56
CA THR A 2 22.57 2.26 -15.22
C THR A 2 21.39 2.16 -14.25
N LEU A 3 20.18 2.39 -14.75
CA LEU A 3 19.00 2.29 -13.91
C LEU A 3 18.84 0.84 -13.46
N ASP A 4 18.98 -0.09 -14.40
CA ASP A 4 18.88 -1.51 -14.11
C ASP A 4 19.85 -1.96 -13.05
N SER A 5 21.11 -1.54 -13.19
CA SER A 5 22.13 -1.91 -12.21
C SER A 5 21.92 -1.20 -10.89
N TRP A 6 21.53 0.08 -10.94
CA TRP A 6 21.28 0.81 -9.70
C TRP A 6 20.18 0.10 -8.90
N LEU A 7 19.12 -0.31 -9.60
CA LEU A 7 18.00 -1.00 -8.97
C LEU A 7 18.40 -2.32 -8.33
N SER A 8 19.21 -3.09 -9.03
CA SER A 8 19.68 -4.37 -8.50
C SER A 8 20.45 -4.16 -7.21
N ASN A 9 21.31 -3.15 -7.20
CA ASN A 9 22.07 -2.88 -5.99
C ASN A 9 21.20 -2.25 -4.91
N GLU A 10 20.29 -1.36 -5.31
CA GLU A 10 19.41 -0.69 -4.36
C GLU A 10 18.46 -1.67 -3.69
N ALA A 11 17.99 -2.68 -4.43
CA ALA A 11 17.09 -3.69 -3.86
C ALA A 11 17.79 -4.41 -2.70
N THR A 12 19.10 -4.59 -2.82
CA THR A 12 19.86 -5.25 -1.77
C THR A 12 20.00 -4.31 -0.57
N VAL A 13 20.23 -3.04 -0.84
CA VAL A 13 20.35 -2.06 0.22
C VAL A 13 19.03 -1.91 0.97
N ALA A 14 17.93 -1.88 0.23
CA ALA A 14 16.59 -1.73 0.78
C ALA A 14 16.25 -2.87 1.72
N ARG A 15 16.56 -4.10 1.33
CA ARG A 15 16.28 -5.27 2.16
C ARG A 15 17.05 -5.17 3.49
N THR A 16 18.32 -4.80 3.42
CA THR A 16 19.16 -4.67 4.60
C THR A 16 18.68 -3.55 5.53
N ALA A 17 18.35 -2.41 4.95
CA ALA A 17 17.89 -1.27 5.72
C ALA A 17 16.59 -1.59 6.46
N ILE A 18 15.68 -2.32 5.81
CA ILE A 18 14.42 -2.67 6.46
C ILE A 18 14.71 -3.52 7.71
N LEU A 19 15.58 -4.51 7.57
CA LEU A 19 15.93 -5.38 8.71
C LEU A 19 16.60 -4.60 9.85
N ASN A 20 17.38 -3.58 9.50
CA ASN A 20 18.05 -2.76 10.51
C ASN A 20 17.05 -1.99 11.35
N ASN A 21 15.84 -1.81 10.82
CA ASN A 21 14.79 -1.06 11.50
C ASN A 21 13.75 -1.92 12.20
N ILE A 22 14.01 -3.21 12.38
CA ILE A 22 13.08 -4.09 13.06
C ILE A 22 13.74 -4.66 14.32
N GLY A 23 13.09 -4.51 15.46
CA GLY A 23 13.62 -5.02 16.72
C GLY A 23 13.53 -6.54 16.77
N ALA A 24 14.21 -7.17 17.74
CA ALA A 24 15.02 -6.50 18.75
C ALA A 24 16.51 -6.63 18.44
N ASP A 25 16.82 -7.03 17.22
N ASP A 25 16.83 -7.01 17.22
CA ASP A 25 18.19 -7.21 16.78
CA ASP A 25 18.22 -7.19 16.78
C ASP A 25 18.57 -6.24 15.65
C ASP A 25 18.59 -6.18 15.70
N GLY A 26 17.61 -5.40 15.24
CA GLY A 26 17.87 -4.42 14.19
C GLY A 26 18.94 -3.44 14.64
N ALA A 27 19.99 -3.29 13.82
CA ALA A 27 21.12 -2.41 14.13
C ALA A 27 20.82 -0.94 14.37
N TRP A 28 19.79 -0.41 13.73
CA TRP A 28 19.47 1.01 13.87
C TRP A 28 18.43 1.34 14.91
N VAL A 29 17.80 0.33 15.48
CA VAL A 29 16.71 0.57 16.41
C VAL A 29 16.75 -0.13 17.77
N SER A 30 17.91 -0.08 18.42
CA SER A 30 18.05 -0.70 19.73
C SER A 30 16.98 -0.06 20.64
N GLY A 31 16.20 -0.89 21.31
CA GLY A 31 15.14 -0.39 22.15
C GLY A 31 13.81 -0.92 21.67
N ALA A 32 13.73 -1.24 20.38
CA ALA A 32 12.49 -1.76 19.81
C ALA A 32 12.33 -3.23 20.24
N ASP A 33 11.12 -3.62 20.61
CA ASP A 33 10.87 -4.99 21.02
C ASP A 33 10.92 -5.93 19.80
N SER A 34 10.85 -7.24 20.05
CA SER A 34 10.92 -8.25 19.00
C SER A 34 9.76 -8.17 18.00
N GLY A 35 10.11 -8.02 16.72
CA GLY A 35 9.12 -7.95 15.66
C GLY A 35 8.51 -6.58 15.46
N ILE A 36 8.98 -5.59 16.20
CA ILE A 36 8.46 -4.24 16.07
C ILE A 36 9.13 -3.50 14.92
N VAL A 37 8.37 -3.14 13.89
CA VAL A 37 8.92 -2.40 12.74
C VAL A 37 8.89 -0.91 13.11
N VAL A 38 10.05 -0.30 13.14
CA VAL A 38 10.13 1.12 13.49
C VAL A 38 10.05 1.92 12.18
N ALA A 39 9.31 3.04 12.18
CA ALA A 39 9.16 3.85 10.97
C ALA A 39 10.47 4.46 10.45
N SER A 40 11.29 4.94 11.38
CA SER A 40 12.58 5.51 11.05
C SER A 40 13.39 5.58 12.34
N PRO A 41 14.72 5.45 12.25
CA PRO A 41 15.54 5.51 13.46
C PRO A 41 15.69 6.95 13.99
N SER A 42 15.13 7.91 13.27
CA SER A 42 15.21 9.31 13.68
C SER A 42 14.43 9.52 14.98
N THR A 43 15.16 9.84 16.04
CA THR A 43 14.55 10.05 17.35
C THR A 43 14.20 11.51 17.61
N ASP A 44 14.61 12.39 16.71
CA ASP A 44 14.37 13.80 16.91
C ASP A 44 14.43 14.57 15.59
N ASN A 45 13.52 15.53 15.43
CA ASN A 45 13.42 16.40 14.24
C ASN A 45 13.54 15.72 12.87
N PRO A 46 12.56 14.88 12.51
CA PRO A 46 11.40 14.56 13.33
C PRO A 46 11.60 13.27 14.14
N ASP A 47 10.78 13.09 15.15
CA ASP A 47 10.84 11.87 15.96
C ASP A 47 9.91 10.84 15.34
N TYR A 48 10.47 9.90 14.58
CA TYR A 48 9.68 8.82 13.97
C TYR A 48 10.01 7.49 14.67
N PHE A 49 10.63 7.59 15.84
CA PHE A 49 11.00 6.39 16.58
C PHE A 49 9.79 5.80 17.29
N TYR A 50 8.86 5.26 16.50
CA TYR A 50 7.63 4.65 16.96
C TYR A 50 7.27 3.57 15.96
N THR A 51 6.26 2.78 16.26
CA THR A 51 5.83 1.76 15.33
C THR A 51 4.38 2.07 14.92
N TRP A 52 4.17 2.33 13.62
CA TRP A 52 2.85 2.63 13.08
C TRP A 52 2.25 1.33 12.54
N THR A 53 0.97 1.12 12.79
CA THR A 53 0.29 -0.08 12.29
C THR A 53 0.34 -0.11 10.75
N ARG A 54 0.16 1.06 10.12
CA ARG A 54 0.20 1.14 8.65
C ARG A 54 1.58 0.80 8.08
N ASP A 55 2.61 1.54 8.47
CA ASP A 55 3.95 1.27 7.94
C ASP A 55 4.35 -0.18 8.18
N SER A 56 4.10 -0.66 9.39
CA SER A 56 4.44 -2.04 9.73
C SER A 56 3.76 -3.04 8.80
N GLY A 57 2.46 -2.84 8.59
CA GLY A 57 1.69 -3.75 7.77
C GLY A 57 2.15 -3.78 6.33
N LEU A 58 2.46 -2.59 5.80
CA LEU A 58 2.93 -2.46 4.42
C LEU A 58 4.30 -3.09 4.25
N VAL A 59 5.19 -2.85 5.20
CA VAL A 59 6.53 -3.41 5.17
C VAL A 59 6.48 -4.95 5.31
N ILE A 60 5.72 -5.46 6.27
CA ILE A 60 5.61 -6.91 6.46
C ILE A 60 4.98 -7.63 5.27
N LYS A 61 3.99 -7.01 4.63
CA LYS A 61 3.38 -7.63 3.44
C LYS A 61 4.46 -7.76 2.35
N THR A 62 5.35 -6.77 2.26
CA THR A 62 6.43 -6.80 1.27
C THR A 62 7.40 -7.93 1.60
N LEU A 63 7.73 -8.07 2.87
CA LEU A 63 8.62 -9.14 3.31
C LEU A 63 8.00 -10.51 3.10
N VAL A 64 6.70 -10.65 3.37
CA VAL A 64 5.99 -11.91 3.17
C VAL A 64 6.06 -12.33 1.70
N ASP A 65 5.86 -11.39 0.78
CA ASP A 65 5.93 -11.70 -0.65
C ASP A 65 7.35 -12.12 -1.07
N LEU A 66 8.38 -11.49 -0.50
CA LEU A 66 9.76 -11.84 -0.82
C LEU A 66 10.05 -13.25 -0.28
N PHE A 67 9.57 -13.50 0.93
CA PHE A 67 9.74 -14.79 1.58
C PHE A 67 9.12 -15.91 0.74
N ARG A 68 7.87 -15.73 0.34
CA ARG A 68 7.16 -16.70 -0.47
C ARG A 68 7.85 -16.90 -1.81
N ASN A 69 8.58 -15.90 -2.28
CA ASN A 69 9.31 -16.02 -3.55
C ASN A 69 10.70 -16.64 -3.34
N GLY A 70 10.99 -17.11 -2.14
CA GLY A 70 12.27 -17.75 -1.90
C GLY A 70 13.22 -17.13 -0.89
N ASP A 71 12.90 -15.96 -0.36
CA ASP A 71 13.81 -15.33 0.62
C ASP A 71 13.47 -15.96 1.98
N THR A 72 13.84 -17.22 2.14
CA THR A 72 13.51 -17.98 3.35
C THR A 72 14.06 -17.44 4.66
N ASP A 73 15.15 -16.70 4.58
CA ASP A 73 15.77 -16.13 5.77
C ASP A 73 14.90 -15.11 6.51
N LEU A 74 13.84 -14.63 5.87
CA LEU A 74 12.94 -13.66 6.49
C LEU A 74 11.93 -14.29 7.44
N LEU A 75 11.90 -15.62 7.48
CA LEU A 75 10.93 -16.34 8.32
C LEU A 75 10.84 -15.87 9.78
N SER A 76 11.98 -15.79 10.47
CA SER A 76 11.97 -15.40 11.88
C SER A 76 11.46 -13.99 12.08
N THR A 77 11.76 -13.10 11.14
CA THR A 77 11.31 -11.73 11.23
C THR A 77 9.78 -11.70 11.18
N ILE A 78 9.20 -12.46 10.25
CA ILE A 78 7.75 -12.51 10.10
C ILE A 78 7.08 -13.09 11.35
N GLU A 79 7.66 -14.16 11.89
CA GLU A 79 7.11 -14.77 13.10
C GLU A 79 7.12 -13.80 14.27
N HIS A 80 8.23 -13.08 14.42
CA HIS A 80 8.36 -12.10 15.50
C HIS A 80 7.31 -11.01 15.35
N TYR A 81 7.07 -10.57 14.11
CA TYR A 81 6.08 -9.54 13.87
C TYR A 81 4.70 -10.02 14.31
N ILE A 82 4.33 -11.20 13.86
CA ILE A 82 3.03 -11.75 14.22
C ILE A 82 2.93 -11.88 15.75
N SER A 83 3.98 -12.38 16.40
CA SER A 83 3.96 -12.51 17.84
C SER A 83 3.76 -11.15 18.53
N SER A 84 4.45 -10.12 18.04
CA SER A 84 4.35 -8.77 18.61
C SER A 84 2.93 -8.19 18.47
N GLN A 85 2.25 -8.54 17.39
CA GLN A 85 0.90 -8.02 17.17
C GLN A 85 -0.13 -8.64 18.10
N ALA A 86 0.09 -9.89 18.52
CA ALA A 86 -0.83 -10.54 19.46
C ALA A 86 -0.85 -9.70 20.76
N ILE A 87 0.32 -9.16 21.12
CA ILE A 87 0.44 -8.30 22.28
C ILE A 87 -0.16 -6.91 21.99
N ILE A 88 0.29 -6.26 20.93
CA ILE A 88 -0.20 -4.93 20.55
C ILE A 88 -1.74 -4.82 20.48
N GLN A 89 -2.40 -5.84 19.94
CA GLN A 89 -3.86 -5.85 19.84
C GLN A 89 -4.55 -5.66 21.18
N GLY A 90 -3.96 -6.21 22.24
CA GLY A 90 -4.53 -6.10 23.57
C GLY A 90 -4.10 -4.88 24.35
N VAL A 91 -3.21 -4.06 23.79
CA VAL A 91 -2.75 -2.88 24.51
C VAL A 91 -3.84 -1.79 24.57
N SER A 92 -4.25 -1.47 25.78
CA SER A 92 -5.24 -0.43 26.03
C SER A 92 -4.60 0.89 25.60
N ASN A 93 -5.27 1.67 24.77
CA ASN A 93 -4.67 2.90 24.26
C ASN A 93 -5.73 4.00 24.11
N PRO A 94 -5.34 5.21 23.68
CA PRO A 94 -6.35 6.27 23.54
C PRO A 94 -7.52 5.97 22.61
N SER A 95 -7.38 5.02 21.69
CA SER A 95 -8.48 4.65 20.80
C SER A 95 -9.43 3.62 21.45
N GLY A 96 -8.99 2.97 22.53
CA GLY A 96 -9.82 1.98 23.20
C GLY A 96 -9.06 0.72 23.52
N ASP A 97 -9.79 -0.34 23.84
CA ASP A 97 -9.22 -1.66 24.15
C ASP A 97 -9.44 -2.53 22.93
N LEU A 98 -9.04 -3.78 23.02
CA LEU A 98 -9.20 -4.73 21.92
C LEU A 98 -10.60 -4.75 21.30
N SER A 99 -11.63 -4.84 22.12
CA SER A 99 -12.99 -4.91 21.59
C SER A 99 -13.74 -3.59 21.59
N SER A 100 -13.08 -2.51 21.98
CA SER A 100 -13.78 -1.24 22.03
C SER A 100 -13.18 -0.13 21.18
N GLY A 101 -12.44 -0.50 20.15
CA GLY A 101 -11.85 0.46 19.23
C GLY A 101 -10.33 0.62 19.26
N GLY A 102 -9.66 -0.07 20.18
CA GLY A 102 -8.21 0.04 20.29
C GLY A 102 -7.39 -0.33 19.08
N LEU A 103 -7.95 -1.17 18.22
CA LEU A 103 -7.28 -1.62 17.01
C LEU A 103 -7.06 -0.51 15.98
N GLY A 104 -7.85 0.56 16.08
CA GLY A 104 -7.70 1.68 15.15
C GLY A 104 -6.61 2.67 15.52
N GLU A 105 -5.90 2.41 16.62
CA GLU A 105 -4.82 3.28 17.08
C GLU A 105 -3.69 3.34 16.04
N PRO A 106 -3.30 4.54 15.62
CA PRO A 106 -2.25 4.75 14.62
C PRO A 106 -0.84 4.26 14.94
N LYS A 107 -0.32 4.62 16.10
CA LYS A 107 1.03 4.24 16.46
C LYS A 107 1.23 3.90 17.94
N PHE A 108 2.33 3.21 18.22
CA PHE A 108 2.69 2.79 19.56
C PHE A 108 4.16 3.05 19.76
N ASN A 109 4.62 2.99 21.01
CA ASN A 109 6.03 3.14 21.34
C ASN A 109 6.70 1.83 20.95
N VAL A 110 7.98 1.89 20.61
CA VAL A 110 8.72 0.70 20.17
C VAL A 110 8.83 -0.43 21.22
N ASP A 111 8.55 -0.10 22.48
CA ASP A 111 8.59 -1.06 23.57
C ASP A 111 7.21 -1.70 23.82
N GLU A 112 6.28 -1.43 22.89
CA GLU A 112 4.91 -1.95 22.90
C GLU A 112 3.94 -1.29 23.88
N THR A 113 4.30 -0.11 24.38
CA THR A 113 3.41 0.62 25.27
C THR A 113 2.62 1.60 24.40
N ALA A 114 1.49 2.05 24.89
CA ALA A 114 0.67 2.99 24.16
C ALA A 114 1.30 4.38 24.07
N TYR A 115 1.00 5.08 22.98
CA TYR A 115 1.45 6.44 22.81
C TYR A 115 0.21 7.20 23.29
N THR A 116 0.36 7.99 24.34
CA THR A 116 -0.79 8.70 24.90
C THR A 116 -1.02 10.16 24.55
N GLY A 117 -0.13 10.77 23.76
CA GLY A 117 -0.31 12.16 23.40
C GLY A 117 -1.34 12.34 22.31
N SER A 118 -1.60 13.58 21.95
N SER A 118 -1.63 13.58 21.96
CA SER A 118 -2.56 13.88 20.90
CA SER A 118 -2.61 13.86 20.92
C SER A 118 -2.04 13.37 19.57
C SER A 118 -2.05 13.39 19.58
N TRP A 119 -2.93 12.87 18.72
CA TRP A 119 -2.54 12.37 17.43
C TRP A 119 -3.81 12.25 16.64
N GLY A 120 -3.69 12.24 15.31
CA GLY A 120 -4.87 12.09 14.48
C GLY A 120 -5.34 10.66 14.57
N ARG A 121 -6.29 10.37 15.46
CA ARG A 121 -6.78 9.02 15.63
C ARG A 121 -8.30 9.00 15.59
N PRO A 122 -8.91 7.87 15.19
CA PRO A 122 -8.21 6.65 14.78
C PRO A 122 -7.87 6.69 13.29
N GLN A 123 -7.14 5.68 12.82
CA GLN A 123 -6.78 5.56 11.41
C GLN A 123 -7.22 4.15 11.10
N ARG A 124 -8.36 4.05 10.42
CA ARG A 124 -8.96 2.75 10.15
C ARG A 124 -8.36 1.88 9.06
N ASP A 125 -7.30 2.36 8.41
CA ASP A 125 -6.62 1.58 7.38
C ASP A 125 -5.68 0.52 8.02
N GLY A 126 -5.16 0.82 9.20
CA GLY A 126 -4.23 -0.07 9.89
C GLY A 126 -4.66 -1.52 10.07
N PRO A 127 -5.83 -1.78 10.70
CA PRO A 127 -6.31 -3.15 10.90
C PRO A 127 -6.41 -3.92 9.57
N ALA A 128 -6.85 -3.23 8.52
CA ALA A 128 -6.98 -3.81 7.18
C ALA A 128 -5.62 -4.24 6.64
N LEU A 129 -4.64 -3.33 6.72
CA LEU A 129 -3.27 -3.59 6.26
C LEU A 129 -2.61 -4.68 7.08
N ARG A 130 -2.81 -4.67 8.38
CA ARG A 130 -2.23 -5.72 9.20
C ARG A 130 -2.85 -7.08 8.84
N ALA A 131 -4.17 -7.12 8.64
CA ALA A 131 -4.85 -8.36 8.27
C ALA A 131 -4.31 -8.91 6.95
N THR A 132 -4.13 -8.03 5.98
CA THR A 132 -3.61 -8.41 4.68
C THR A 132 -2.19 -8.98 4.77
N ALA A 133 -1.34 -8.40 5.62
CA ALA A 133 0.02 -8.89 5.78
C ALA A 133 0.03 -10.29 6.39
N MET A 134 -0.81 -10.49 7.40
CA MET A 134 -0.89 -11.77 8.08
C MET A 134 -1.51 -12.86 7.24
N ILE A 135 -2.57 -12.53 6.51
CA ILE A 135 -3.25 -13.50 5.65
C ILE A 135 -2.30 -14.13 4.63
N GLY A 136 -1.37 -13.32 4.10
CA GLY A 136 -0.41 -13.82 3.14
C GLY A 136 0.48 -14.89 3.75
N PHE A 137 0.90 -14.69 4.99
CA PHE A 137 1.75 -15.67 5.66
C PHE A 137 0.91 -16.89 6.04
N GLY A 138 -0.33 -16.65 6.49
CA GLY A 138 -1.22 -17.75 6.85
C GLY A 138 -1.46 -18.67 5.66
N GLN A 139 -1.52 -18.09 4.46
CA GLN A 139 -1.71 -18.85 3.22
C GLN A 139 -0.49 -19.76 3.01
N TRP A 140 0.70 -19.20 3.19
CA TRP A 140 1.91 -19.99 3.04
C TRP A 140 1.88 -21.15 4.05
N LEU A 141 1.57 -20.85 5.31
CA LEU A 141 1.50 -21.86 6.36
C LEU A 141 0.57 -23.00 5.94
N LEU A 142 -0.61 -22.65 5.44
CA LEU A 142 -1.58 -23.66 4.99
C LEU A 142 -1.02 -24.52 3.85
N ASP A 143 -0.46 -23.87 2.84
CA ASP A 143 0.10 -24.53 1.69
C ASP A 143 1.25 -25.46 2.03
N ASN A 144 2.03 -25.11 3.04
CA ASN A 144 3.17 -25.93 3.39
C ASN A 144 3.00 -26.86 4.58
N GLY A 145 1.74 -27.16 4.92
CA GLY A 145 1.44 -28.08 6.00
C GLY A 145 1.57 -27.67 7.46
N TYR A 146 1.55 -26.38 7.74
CA TYR A 146 1.65 -25.92 9.13
C TYR A 146 0.27 -25.36 9.47
N THR A 147 -0.73 -26.21 9.30
CA THR A 147 -2.12 -25.88 9.53
C THR A 147 -2.38 -25.33 10.91
N SER A 148 -1.76 -25.94 11.92
CA SER A 148 -1.95 -25.49 13.28
C SER A 148 -1.58 -24.03 13.45
N ALA A 149 -0.41 -23.65 12.99
CA ALA A 149 0.01 -22.26 13.12
C ALA A 149 -0.99 -21.33 12.43
N ALA A 150 -1.48 -21.72 11.27
CA ALA A 150 -2.44 -20.90 10.56
C ALA A 150 -3.77 -20.75 11.30
N THR A 151 -4.29 -21.87 11.76
N THR A 151 -4.33 -21.87 11.76
CA THR A 151 -5.58 -21.92 12.45
CA THR A 151 -5.61 -21.86 12.44
C THR A 151 -5.60 -21.38 13.87
C THR A 151 -5.60 -21.34 13.88
N GLU A 152 -4.56 -21.69 14.64
CA GLU A 152 -4.50 -21.25 16.03
C GLU A 152 -3.79 -19.93 16.32
N ILE A 153 -2.89 -19.50 15.45
CA ILE A 153 -2.19 -18.24 15.67
C ILE A 153 -2.68 -17.15 14.72
N VAL A 154 -2.46 -17.35 13.42
CA VAL A 154 -2.82 -16.34 12.43
C VAL A 154 -4.30 -15.99 12.34
N TRP A 155 -5.15 -16.99 12.10
CA TRP A 155 -6.58 -16.75 11.97
C TRP A 155 -7.18 -15.94 13.14
N PRO A 156 -6.93 -16.33 14.40
CA PRO A 156 -7.53 -15.53 15.49
C PRO A 156 -7.10 -14.05 15.50
N LEU A 157 -5.85 -13.75 15.11
CA LEU A 157 -5.35 -12.37 15.07
C LEU A 157 -6.03 -11.63 13.94
N VAL A 158 -6.15 -12.30 12.80
CA VAL A 158 -6.82 -11.73 11.64
C VAL A 158 -8.30 -11.49 11.94
N ARG A 159 -8.96 -12.43 12.61
CA ARG A 159 -10.38 -12.32 12.94
C ARG A 159 -10.68 -11.02 13.72
N ASN A 160 -9.76 -10.62 14.61
CA ASN A 160 -9.92 -9.40 15.39
C ASN A 160 -9.92 -8.15 14.48
N ASP A 161 -8.93 -8.07 13.59
CA ASP A 161 -8.79 -6.95 12.68
C ASP A 161 -9.93 -6.84 11.68
N LEU A 162 -10.38 -7.98 11.14
CA LEU A 162 -11.49 -7.96 10.20
C LEU A 162 -12.79 -7.51 10.87
N SER A 163 -12.98 -7.89 12.14
CA SER A 163 -14.16 -7.50 12.90
C SER A 163 -14.17 -5.99 13.06
N TYR A 164 -13.00 -5.41 13.32
CA TYR A 164 -12.89 -3.97 13.44
C TYR A 164 -13.26 -3.30 12.12
N VAL A 165 -12.75 -3.81 11.00
CA VAL A 165 -13.03 -3.22 9.69
C VAL A 165 -14.53 -3.24 9.35
N ALA A 166 -15.18 -4.38 9.58
CA ALA A 166 -16.59 -4.56 9.27
C ALA A 166 -17.49 -3.69 10.18
N GLN A 167 -17.04 -3.48 11.41
CA GLN A 167 -17.80 -2.71 12.36
C GLN A 167 -17.70 -1.20 12.18
N TYR A 168 -16.55 -0.71 11.75
CA TYR A 168 -16.36 0.73 11.65
C TYR A 168 -16.04 1.36 10.30
N TRP A 169 -16.11 0.60 9.23
CA TRP A 169 -15.74 1.18 7.93
C TRP A 169 -16.52 2.44 7.53
N ASN A 170 -17.79 2.48 7.92
CA ASN A 170 -18.70 3.57 7.56
C ASN A 170 -18.68 4.75 8.52
N GLN A 171 -17.57 4.90 9.26
CA GLN A 171 -17.38 6.00 10.20
C GLN A 171 -16.14 6.81 9.77
N THR A 172 -16.17 8.12 10.02
CA THR A 172 -15.03 8.96 9.66
C THR A 172 -13.82 8.63 10.55
N GLY A 173 -12.64 9.05 10.10
CA GLY A 173 -11.40 8.83 10.83
C GLY A 173 -10.30 9.58 10.07
N TYR A 174 -9.05 9.50 10.50
CA TYR A 174 -8.00 10.21 9.78
C TYR A 174 -7.47 9.40 8.60
N ASP A 175 -7.02 10.11 7.58
CA ASP A 175 -6.47 9.49 6.37
C ASP A 175 -5.07 8.92 6.64
N LEU A 176 -4.47 8.30 5.62
CA LEU A 176 -3.15 7.71 5.76
C LEU A 176 -2.08 8.74 6.09
N TRP A 177 -2.28 9.98 5.68
CA TRP A 177 -1.31 11.04 5.96
C TRP A 177 -1.53 11.62 7.35
N GLU A 178 -2.53 11.09 8.09
CA GLU A 178 -2.84 11.51 9.46
C GLU A 178 -3.25 12.98 9.64
N GLU A 179 -3.90 13.57 8.64
CA GLU A 179 -4.25 14.99 8.74
C GLU A 179 -5.72 15.31 8.52
N VAL A 180 -6.38 14.57 7.63
CA VAL A 180 -7.77 14.84 7.32
C VAL A 180 -8.73 13.92 8.05
N ASN A 181 -9.58 14.50 8.88
CA ASN A 181 -10.59 13.74 9.59
C ASN A 181 -11.82 13.67 8.66
N GLY A 182 -12.02 12.53 8.01
CA GLY A 182 -13.15 12.36 7.11
C GLY A 182 -13.23 10.93 6.61
N SER A 183 -13.48 10.74 5.33
CA SER A 183 -13.57 9.41 4.74
C SER A 183 -12.59 9.41 3.58
N SER A 184 -11.68 8.45 3.55
CA SER A 184 -10.58 8.42 2.58
C SER A 184 -10.55 7.23 1.60
N PHE A 185 -10.19 7.50 0.34
CA PHE A 185 -10.14 6.47 -0.70
C PHE A 185 -9.22 5.30 -0.37
N PHE A 186 -7.95 5.60 -0.08
CA PHE A 186 -6.99 4.55 0.24
C PHE A 186 -7.54 3.61 1.30
N THR A 187 -8.04 4.20 2.37
CA THR A 187 -8.58 3.44 3.48
C THR A 187 -9.73 2.52 3.08
N ILE A 188 -10.73 3.08 2.38
CA ILE A 188 -11.89 2.32 1.94
C ILE A 188 -11.46 1.20 0.98
N ALA A 189 -10.54 1.51 0.08
CA ALA A 189 -10.04 0.53 -0.88
C ALA A 189 -9.33 -0.65 -0.19
N VAL A 190 -8.42 -0.38 0.74
CA VAL A 190 -7.71 -1.48 1.42
C VAL A 190 -8.60 -2.25 2.39
N GLN A 191 -9.64 -1.60 2.89
CA GLN A 191 -10.58 -2.28 3.79
C GLN A 191 -11.43 -3.29 2.99
N HIS A 192 -11.85 -2.91 1.78
CA HIS A 192 -12.63 -3.81 0.92
C HIS A 192 -11.78 -5.03 0.62
N ARG A 193 -10.51 -4.79 0.25
CA ARG A 193 -9.62 -5.89 -0.07
C ARG A 193 -9.49 -6.85 1.11
N ALA A 194 -9.23 -6.29 2.29
CA ALA A 194 -9.03 -7.11 3.49
C ALA A 194 -10.21 -8.02 3.79
N LEU A 195 -11.43 -7.49 3.71
CA LEU A 195 -12.59 -8.33 3.99
C LEU A 195 -12.74 -9.47 2.99
N VAL A 196 -12.45 -9.20 1.71
CA VAL A 196 -12.53 -10.22 0.68
C VAL A 196 -11.53 -11.36 0.90
N GLU A 197 -10.25 -11.04 1.06
CA GLU A 197 -9.29 -12.12 1.26
C GLU A 197 -9.41 -12.72 2.66
N GLY A 198 -10.02 -11.97 3.58
CA GLY A 198 -10.24 -12.46 4.92
C GLY A 198 -11.29 -13.56 4.92
N SER A 199 -12.34 -13.38 4.12
CA SER A 199 -13.38 -14.39 4.04
C SER A 199 -12.80 -15.67 3.39
N ALA A 200 -11.99 -15.52 2.37
CA ALA A 200 -11.39 -16.67 1.72
C ALA A 200 -10.49 -17.42 2.70
N PHE A 201 -9.69 -16.69 3.48
CA PHE A 201 -8.81 -17.33 4.47
C PHE A 201 -9.63 -18.04 5.57
N ALA A 202 -10.68 -17.39 6.07
CA ALA A 202 -11.52 -17.99 7.10
C ALA A 202 -12.08 -19.34 6.60
N THR A 203 -12.57 -19.37 5.38
CA THR A 203 -13.09 -20.61 4.84
C THR A 203 -11.99 -21.68 4.75
N ALA A 204 -10.79 -21.25 4.38
CA ALA A 204 -9.64 -22.15 4.24
C ALA A 204 -9.22 -22.83 5.54
N VAL A 205 -9.38 -22.14 6.67
CA VAL A 205 -8.99 -22.74 7.94
C VAL A 205 -10.16 -23.44 8.62
N GLY A 206 -11.27 -23.60 7.88
CA GLY A 206 -12.46 -24.26 8.41
C GLY A 206 -13.37 -23.41 9.26
N SER A 207 -13.27 -22.10 9.13
CA SER A 207 -14.11 -21.21 9.92
C SER A 207 -14.97 -20.37 8.95
N SER A 208 -15.37 -19.19 9.38
CA SER A 208 -16.20 -18.33 8.54
C SER A 208 -16.07 -16.86 8.95
N CYS A 209 -16.47 -15.97 8.06
CA CYS A 209 -16.45 -14.56 8.35
C CYS A 209 -17.68 -13.95 7.72
N SER A 210 -18.83 -14.16 8.37
CA SER A 210 -20.10 -13.63 7.85
C SER A 210 -20.04 -12.12 7.70
N TRP A 211 -19.38 -11.43 8.64
CA TRP A 211 -19.25 -9.97 8.59
C TRP A 211 -18.38 -9.51 7.41
N CYS A 212 -17.41 -10.32 6.99
CA CYS A 212 -16.60 -9.98 5.82
C CYS A 212 -17.53 -10.02 4.63
N ASP A 213 -18.33 -11.07 4.57
CA ASP A 213 -19.27 -11.30 3.47
C ASP A 213 -20.34 -10.27 3.27
N SER A 214 -20.98 -9.83 4.36
CA SER A 214 -22.04 -8.85 4.22
C SER A 214 -21.50 -7.45 3.95
N GLN A 215 -20.35 -7.11 4.55
CA GLN A 215 -19.81 -5.78 4.40
C GLN A 215 -18.99 -5.47 3.14
N ALA A 216 -18.24 -6.44 2.62
CA ALA A 216 -17.40 -6.18 1.45
C ALA A 216 -18.15 -5.51 0.27
N PRO A 217 -19.31 -6.07 -0.16
CA PRO A 217 -20.06 -5.46 -1.28
C PRO A 217 -20.53 -4.04 -0.96
N GLN A 218 -20.85 -3.75 0.31
CA GLN A 218 -21.29 -2.42 0.71
C GLN A 218 -20.13 -1.41 0.72
N ILE A 219 -18.93 -1.87 1.06
CA ILE A 219 -17.76 -1.01 1.05
C ILE A 219 -17.46 -0.70 -0.43
N LEU A 220 -17.52 -1.72 -1.28
CA LEU A 220 -17.29 -1.53 -2.70
C LEU A 220 -18.32 -0.56 -3.30
N CYS A 221 -19.57 -0.66 -2.86
CA CYS A 221 -20.64 0.21 -3.33
C CYS A 221 -20.27 1.66 -3.01
N TYR A 222 -19.82 1.89 -1.77
CA TYR A 222 -19.39 3.22 -1.32
C TYR A 222 -18.15 3.72 -2.07
N LEU A 223 -17.23 2.81 -2.35
CA LEU A 223 -15.98 3.14 -3.04
C LEU A 223 -16.25 3.85 -4.38
N GLN A 224 -17.34 3.51 -5.05
CA GLN A 224 -17.69 4.14 -6.34
C GLN A 224 -17.90 5.65 -6.24
N SER A 225 -18.33 6.14 -5.08
CA SER A 225 -18.57 7.58 -4.89
C SER A 225 -17.31 8.44 -4.97
N PHE A 226 -16.15 7.83 -4.86
CA PHE A 226 -14.94 8.61 -4.90
C PHE A 226 -14.55 9.06 -6.30
N TRP A 227 -15.15 8.46 -7.33
CA TRP A 227 -14.85 8.85 -8.71
C TRP A 227 -15.61 10.13 -9.02
N THR A 228 -14.90 11.21 -9.38
CA THR A 228 -15.55 12.49 -9.66
C THR A 228 -16.00 12.68 -11.11
N GLY A 229 -15.51 11.82 -12.00
CA GLY A 229 -15.82 11.96 -13.41
C GLY A 229 -14.53 12.30 -14.15
N SER A 230 -13.53 12.80 -13.43
CA SER A 230 -12.24 13.12 -14.04
C SER A 230 -11.04 12.57 -13.25
N TYR A 231 -11.21 12.35 -11.95
CA TYR A 231 -10.15 11.77 -11.13
C TYR A 231 -10.77 11.19 -9.86
N ILE A 232 -9.94 10.55 -9.04
CA ILE A 232 -10.41 9.94 -7.80
C ILE A 232 -10.25 10.93 -6.65
N LEU A 233 -11.36 11.26 -5.99
CA LEU A 233 -11.33 12.16 -4.85
C LEU A 233 -10.60 11.46 -3.72
N ALA A 234 -9.56 12.07 -3.17
CA ALA A 234 -8.83 11.42 -2.09
C ALA A 234 -9.63 11.32 -0.78
N ASN A 235 -10.35 12.39 -0.43
CA ASN A 235 -11.11 12.42 0.81
C ASN A 235 -12.40 13.21 0.70
N PHE A 236 -13.41 12.76 1.42
CA PHE A 236 -14.65 13.50 1.55
C PHE A 236 -14.38 14.31 2.83
N ASP A 237 -15.12 15.39 3.03
CA ASP A 237 -14.97 16.26 4.19
C ASP A 237 -13.69 17.06 4.12
N SER A 238 -13.16 17.25 2.92
CA SER A 238 -11.92 18.01 2.75
C SER A 238 -12.15 19.22 1.84
N SER A 239 -11.39 20.27 2.07
CA SER A 239 -11.49 21.48 1.26
C SER A 239 -10.45 21.53 0.14
N ARG A 240 -9.60 20.51 0.06
CA ARG A 240 -8.57 20.49 -0.97
C ARG A 240 -9.13 20.10 -2.32
N SER A 241 -8.29 20.10 -3.35
CA SER A 241 -8.75 19.69 -4.67
C SER A 241 -9.14 18.21 -4.63
N GLY A 242 -8.40 17.40 -3.86
CA GLY A 242 -8.71 15.98 -3.81
C GLY A 242 -7.74 15.14 -4.64
N LYS A 243 -6.85 15.79 -5.38
CA LYS A 243 -5.83 15.08 -6.17
C LYS A 243 -4.79 14.74 -5.10
N ASP A 244 -4.44 13.47 -4.96
CA ASP A 244 -3.54 13.05 -3.90
C ASP A 244 -2.99 11.66 -4.25
N THR A 245 -1.70 11.44 -4.02
N THR A 245 -1.70 11.45 -4.01
CA THR A 245 -1.11 10.13 -4.34
CA THR A 245 -1.05 10.17 -4.29
C THR A 245 -1.73 9.02 -3.50
C THR A 245 -1.69 9.03 -3.46
N ASN A 246 -2.54 9.43 -2.53
CA ASN A 246 -3.31 8.53 -1.67
C ASN A 246 -4.03 7.56 -2.63
N THR A 247 -4.52 8.09 -3.75
CA THR A 247 -5.25 7.31 -4.72
C THR A 247 -4.41 6.37 -5.56
N LEU A 248 -3.15 6.72 -5.81
CA LEU A 248 -2.25 5.84 -6.56
C LEU A 248 -1.89 4.66 -5.63
N LEU A 249 -1.68 4.97 -4.35
CA LEU A 249 -1.34 3.96 -3.35
C LEU A 249 -2.48 2.98 -3.19
N GLY A 250 -3.71 3.50 -3.21
CA GLY A 250 -4.89 2.67 -3.08
C GLY A 250 -4.95 1.68 -4.22
N SER A 251 -4.56 2.12 -5.40
CA SER A 251 -4.56 1.28 -6.58
C SER A 251 -3.46 0.22 -6.54
N ILE A 252 -2.22 0.62 -6.35
CA ILE A 252 -1.14 -0.38 -6.34
C ILE A 252 -1.22 -1.39 -5.21
N HIS A 253 -1.79 -1.00 -4.05
CA HIS A 253 -1.89 -1.93 -2.93
C HIS A 253 -3.12 -2.83 -2.95
N THR A 254 -3.98 -2.62 -3.94
CA THR A 254 -5.14 -3.48 -4.11
C THR A 254 -5.07 -4.10 -5.51
N PHE A 255 -3.90 -3.98 -6.14
CA PHE A 255 -3.66 -4.57 -7.47
C PHE A 255 -3.75 -6.10 -7.38
N ASP A 256 -4.51 -6.70 -8.29
CA ASP A 256 -4.63 -8.15 -8.33
C ASP A 256 -4.15 -8.57 -9.72
N PRO A 257 -3.06 -9.36 -9.82
CA PRO A 257 -2.55 -9.79 -11.13
C PRO A 257 -3.54 -10.55 -12.02
N GLU A 258 -4.60 -11.08 -11.42
CA GLU A 258 -5.62 -11.81 -12.17
C GLU A 258 -6.77 -10.91 -12.64
N ALA A 259 -6.78 -9.67 -12.18
CA ALA A 259 -7.83 -8.72 -12.52
C ALA A 259 -7.68 -8.11 -13.89
N GLY A 260 -8.80 -7.76 -14.51
CA GLY A 260 -8.75 -7.07 -15.78
C GLY A 260 -8.65 -5.59 -15.42
N CYS A 261 -8.86 -4.71 -16.39
CA CYS A 261 -8.77 -3.28 -16.11
C CYS A 261 -10.12 -2.79 -15.55
N ASP A 262 -10.47 -3.31 -14.37
CA ASP A 262 -11.72 -3.03 -13.69
C ASP A 262 -11.82 -1.67 -13.01
N ASP A 263 -12.77 -0.88 -13.48
CA ASP A 263 -13.03 0.44 -12.95
C ASP A 263 -13.62 0.36 -11.53
N SER A 264 -14.46 -0.63 -11.27
CA SER A 264 -15.10 -0.71 -9.95
C SER A 264 -14.12 -0.89 -8.81
N THR A 265 -13.01 -1.56 -9.07
CA THR A 265 -12.00 -1.76 -8.04
C THR A 265 -10.78 -0.91 -8.31
N PHE A 266 -10.88 -0.01 -9.28
CA PHE A 266 -9.79 0.92 -9.62
C PHE A 266 -8.42 0.27 -9.83
N GLN A 267 -8.39 -0.82 -10.60
CA GLN A 267 -7.16 -1.55 -10.88
C GLN A 267 -6.21 -0.61 -11.62
N PRO A 268 -4.89 -0.86 -11.54
CA PRO A 268 -3.90 0.00 -12.21
C PRO A 268 -4.16 0.36 -13.68
N CYS A 269 -4.68 -0.58 -14.48
CA CYS A 269 -4.96 -0.30 -15.89
C CYS A 269 -6.41 0.17 -16.19
N SER A 270 -7.24 0.32 -15.17
CA SER A 270 -8.61 0.77 -15.40
C SER A 270 -8.60 2.20 -15.96
N PRO A 271 -9.53 2.52 -16.88
CA PRO A 271 -9.54 3.88 -17.43
C PRO A 271 -9.58 4.91 -16.30
N ARG A 272 -10.34 4.64 -15.25
CA ARG A 272 -10.44 5.56 -14.13
C ARG A 272 -9.09 5.76 -13.45
N ALA A 273 -8.35 4.67 -13.19
CA ALA A 273 -7.05 4.76 -12.53
C ALA A 273 -5.99 5.43 -13.43
N LEU A 274 -6.09 5.24 -14.75
CA LEU A 274 -5.13 5.88 -15.66
C LEU A 274 -5.42 7.38 -15.76
N ALA A 275 -6.69 7.73 -15.90
CA ALA A 275 -7.09 9.13 -15.98
C ALA A 275 -6.65 9.82 -14.68
N ASN A 276 -6.86 9.15 -13.55
CA ASN A 276 -6.47 9.69 -12.25
C ASN A 276 -4.97 9.90 -12.15
N HIS A 277 -4.22 8.93 -12.68
CA HIS A 277 -2.75 8.99 -12.66
C HIS A 277 -2.24 10.30 -13.31
N LYS A 278 -2.75 10.65 -14.48
CA LYS A 278 -2.32 11.89 -15.13
C LYS A 278 -2.73 13.12 -14.33
N GLU A 279 -3.95 13.15 -13.82
CA GLU A 279 -4.43 14.27 -13.03
C GLU A 279 -3.55 14.49 -11.79
N VAL A 280 -3.23 13.42 -11.08
CA VAL A 280 -2.40 13.54 -9.87
C VAL A 280 -0.98 13.97 -10.17
N VAL A 281 -0.32 13.24 -11.06
CA VAL A 281 1.06 13.57 -11.42
C VAL A 281 1.18 15.00 -11.97
N ASP A 282 0.26 15.39 -12.85
CA ASP A 282 0.28 16.74 -13.42
C ASP A 282 0.19 17.85 -12.38
N SER A 283 -0.48 17.57 -11.24
CA SER A 283 -0.63 18.59 -10.19
C SER A 283 0.70 18.98 -9.53
N PHE A 284 1.77 18.24 -9.80
CA PHE A 284 3.07 18.56 -9.23
C PHE A 284 4.03 19.19 -10.22
N ARG A 285 3.62 19.22 -11.49
CA ARG A 285 4.48 19.76 -12.54
C ARG A 285 4.87 21.22 -12.38
N SER A 286 3.95 22.05 -11.93
CA SER A 286 4.28 23.46 -11.79
C SER A 286 4.62 23.97 -10.40
N ILE A 287 4.52 23.11 -9.38
CA ILE A 287 4.79 23.58 -8.02
C ILE A 287 6.18 23.31 -7.47
N TYR A 288 6.93 22.43 -8.13
CA TYR A 288 8.27 22.12 -7.67
C TYR A 288 9.28 22.63 -8.68
N THR A 289 10.22 23.44 -8.19
CA THR A 289 11.29 24.00 -9.01
C THR A 289 12.03 22.85 -9.68
N LEU A 290 12.14 21.75 -8.95
CA LEU A 290 12.81 20.56 -9.43
C LEU A 290 12.19 20.06 -10.74
N ASN A 291 10.93 20.40 -10.98
CA ASN A 291 10.25 19.96 -12.19
C ASN A 291 10.28 20.95 -13.35
N ASP A 292 10.87 22.11 -13.14
CA ASP A 292 10.97 23.14 -14.18
C ASP A 292 11.56 22.61 -15.48
N GLY A 293 10.92 22.95 -16.60
CA GLY A 293 11.40 22.57 -17.91
C GLY A 293 11.04 21.20 -18.47
N LEU A 294 10.47 20.33 -17.64
CA LEU A 294 10.08 19.02 -18.11
C LEU A 294 8.78 19.14 -18.90
N SER A 295 8.62 18.30 -19.91
CA SER A 295 7.41 18.33 -20.72
C SER A 295 6.42 17.32 -20.15
N ASP A 296 5.21 17.34 -20.70
CA ASP A 296 4.15 16.44 -20.27
C ASP A 296 4.35 14.97 -20.55
N SER A 297 5.33 14.63 -21.37
CA SER A 297 5.56 13.23 -21.66
C SER A 297 6.73 12.75 -20.81
N GLU A 298 7.19 13.59 -19.89
CA GLU A 298 8.30 13.22 -19.03
C GLU A 298 7.86 13.08 -17.58
N ALA A 299 8.52 12.16 -16.89
CA ALA A 299 8.26 11.89 -15.49
C ALA A 299 8.75 13.09 -14.66
N VAL A 300 8.10 13.32 -13.52
CA VAL A 300 8.43 14.44 -12.62
C VAL A 300 8.47 13.94 -11.17
N ALA A 301 8.99 14.78 -10.28
CA ALA A 301 9.05 14.43 -8.85
C ALA A 301 7.63 14.58 -8.33
N VAL A 302 7.16 13.55 -7.64
CA VAL A 302 5.80 13.52 -7.11
C VAL A 302 5.72 13.58 -5.58
N GLY A 303 4.83 14.43 -5.06
CA GLY A 303 4.63 14.57 -3.62
C GLY A 303 3.34 13.88 -3.17
N ARG A 304 2.76 14.34 -2.07
CA ARG A 304 1.53 13.74 -1.56
C ARG A 304 0.31 14.38 -2.22
N TYR A 305 0.13 15.68 -2.05
CA TYR A 305 -0.99 16.41 -2.64
C TYR A 305 -0.46 17.82 -2.87
N PRO A 306 -0.94 18.50 -3.92
CA PRO A 306 -0.45 19.85 -4.19
C PRO A 306 -0.58 20.92 -3.09
N GLU A 307 -1.53 20.75 -2.18
CA GLU A 307 -1.73 21.71 -1.09
C GLU A 307 -0.83 21.46 0.13
N ASP A 308 -0.06 20.39 0.08
CA ASP A 308 0.83 19.97 1.18
C ASP A 308 1.82 21.07 1.64
N SER A 309 1.96 21.23 2.96
CA SER A 309 2.89 22.19 3.54
C SER A 309 3.81 21.55 4.59
N TYR A 310 3.69 20.24 4.76
CA TYR A 310 4.51 19.50 5.72
C TYR A 310 5.94 19.62 5.22
N TYR A 311 6.78 20.26 6.03
CA TYR A 311 8.17 20.57 5.71
C TYR A 311 8.21 21.42 4.44
N ASN A 312 7.14 22.19 4.27
CA ASN A 312 6.91 23.09 3.14
C ASN A 312 6.31 22.45 1.89
N GLY A 313 6.05 21.15 1.95
CA GLY A 313 5.47 20.45 0.82
C GLY A 313 6.54 20.11 -0.21
N ASN A 314 6.99 18.86 -0.20
CA ASN A 314 8.04 18.41 -1.10
C ASN A 314 7.69 17.06 -1.68
N PRO A 315 8.45 16.64 -2.68
CA PRO A 315 8.17 15.33 -3.27
C PRO A 315 8.61 14.27 -2.25
N TRP A 316 7.98 13.10 -2.31
CA TRP A 316 8.30 11.99 -1.42
C TRP A 316 8.80 10.85 -2.28
N PHE A 317 9.76 10.10 -1.78
CA PHE A 317 10.31 8.98 -2.52
C PHE A 317 9.22 7.94 -2.78
N LEU A 318 8.47 7.56 -1.74
CA LEU A 318 7.42 6.55 -1.90
C LEU A 318 6.30 6.97 -2.85
N CYS A 319 6.01 8.27 -2.92
CA CYS A 319 4.96 8.77 -3.81
C CYS A 319 5.45 8.73 -5.27
N THR A 320 6.71 9.10 -5.47
CA THR A 320 7.29 9.09 -6.80
C THR A 320 7.39 7.64 -7.30
N LEU A 321 7.71 6.72 -6.39
CA LEU A 321 7.79 5.31 -6.74
C LEU A 321 6.41 4.72 -7.03
N ALA A 322 5.38 5.20 -6.34
CA ALA A 322 4.01 4.70 -6.55
C ALA A 322 3.54 5.07 -7.96
N ALA A 323 3.96 6.25 -8.43
CA ALA A 323 3.61 6.70 -9.78
C ALA A 323 4.18 5.72 -10.82
N ALA A 324 5.38 5.18 -10.57
CA ALA A 324 5.98 4.22 -11.49
C ALA A 324 5.34 2.84 -11.31
N GLU A 325 5.14 2.43 -10.06
CA GLU A 325 4.55 1.12 -9.78
C GLU A 325 3.17 0.91 -10.43
N GLN A 326 2.31 1.92 -10.43
CA GLN A 326 1.02 1.75 -11.06
C GLN A 326 1.18 1.42 -12.55
N LEU A 327 2.15 2.04 -13.19
CA LEU A 327 2.41 1.80 -14.62
C LEU A 327 3.01 0.41 -14.89
N TYR A 328 3.91 -0.04 -14.03
CA TYR A 328 4.50 -1.37 -14.19
C TYR A 328 3.38 -2.44 -14.04
N ASP A 329 2.43 -2.19 -13.13
CA ASP A 329 1.28 -3.08 -12.92
C ASP A 329 0.42 -3.09 -14.17
N ALA A 330 0.15 -1.91 -14.72
CA ALA A 330 -0.68 -1.77 -15.93
C ALA A 330 -0.06 -2.50 -17.12
N LEU A 331 1.26 -2.38 -17.27
CA LEU A 331 1.99 -3.05 -18.35
C LEU A 331 1.80 -4.55 -18.21
N TYR A 332 1.90 -5.04 -16.98
CA TYR A 332 1.74 -6.45 -16.68
C TYR A 332 0.35 -6.92 -17.07
N GLN A 333 -0.67 -6.15 -16.70
CA GLN A 333 -2.05 -6.51 -17.00
C GLN A 333 -2.33 -6.52 -18.51
N TRP A 334 -1.83 -5.51 -19.23
CA TRP A 334 -2.03 -5.43 -20.68
C TRP A 334 -1.36 -6.62 -21.36
N ASP A 335 -0.15 -6.92 -20.93
CA ASP A 335 0.59 -8.03 -21.48
C ASP A 335 -0.15 -9.35 -21.27
N LYS A 336 -0.58 -9.59 -20.04
CA LYS A 336 -1.30 -10.80 -19.72
C LYS A 336 -2.63 -10.92 -20.49
N GLN A 337 -3.31 -9.80 -20.71
CA GLN A 337 -4.57 -9.83 -21.45
C GLN A 337 -4.37 -9.96 -22.95
N GLY A 338 -3.22 -9.49 -23.43
CA GLY A 338 -2.94 -9.54 -24.86
C GLY A 338 -3.55 -8.37 -25.61
N SER A 339 -3.92 -7.32 -24.90
CA SER A 339 -4.49 -6.14 -25.53
C SER A 339 -4.57 -4.97 -24.56
N LEU A 340 -4.82 -3.80 -25.12
CA LEU A 340 -4.91 -2.57 -24.38
C LEU A 340 -6.07 -1.80 -25.01
N GLU A 341 -6.89 -1.17 -24.20
CA GLU A 341 -7.99 -0.41 -24.73
C GLU A 341 -7.87 1.06 -24.35
N ILE A 342 -8.21 1.96 -25.27
CA ILE A 342 -8.17 3.40 -24.99
C ILE A 342 -9.60 3.88 -25.09
N THR A 343 -10.09 4.52 -24.03
CA THR A 343 -11.46 5.01 -24.01
C THR A 343 -11.44 6.52 -23.87
N ASP A 344 -12.62 7.14 -23.90
CA ASP A 344 -12.71 8.58 -23.75
C ASP A 344 -12.15 9.04 -22.43
N VAL A 345 -12.34 8.21 -21.39
CA VAL A 345 -11.86 8.53 -20.05
C VAL A 345 -10.34 8.55 -19.94
N SER A 346 -9.68 7.56 -20.52
CA SER A 346 -8.23 7.47 -20.46
C SER A 346 -7.45 8.09 -21.64
N LEU A 347 -8.17 8.63 -22.62
CA LEU A 347 -7.52 9.19 -23.80
C LEU A 347 -6.40 10.18 -23.47
N ASP A 348 -6.66 11.15 -22.61
CA ASP A 348 -5.65 12.13 -22.26
C ASP A 348 -4.37 11.52 -21.68
N PHE A 349 -4.51 10.50 -20.84
CA PHE A 349 -3.34 9.83 -20.27
C PHE A 349 -2.44 9.32 -21.42
N PHE A 350 -3.05 8.61 -22.36
CA PHE A 350 -2.33 8.04 -23.50
C PHE A 350 -1.82 9.08 -24.50
N LYS A 351 -2.64 10.08 -24.80
CA LYS A 351 -2.30 11.11 -25.77
C LYS A 351 -1.06 11.90 -25.34
N ALA A 352 -0.88 12.10 -24.04
CA ALA A 352 0.27 12.81 -23.53
C ALA A 352 1.55 12.05 -23.83
N LEU A 353 1.49 10.72 -23.87
CA LEU A 353 2.67 9.88 -24.13
C LEU A 353 2.85 9.43 -25.57
N TYR A 354 1.76 9.39 -26.33
CA TYR A 354 1.78 8.95 -27.70
C TYR A 354 0.75 9.79 -28.42
N SER A 355 1.19 10.85 -29.08
CA SER A 355 0.29 11.78 -29.75
C SER A 355 -0.69 11.18 -30.75
N GLY A 356 -0.39 10.01 -31.30
CA GLY A 356 -1.30 9.40 -32.24
C GLY A 356 -2.40 8.58 -31.57
N ALA A 357 -2.53 8.66 -30.25
CA ALA A 357 -3.54 7.89 -29.52
C ALA A 357 -4.97 8.19 -29.99
N ALA A 358 -5.78 7.14 -30.09
CA ALA A 358 -7.17 7.27 -30.50
C ALA A 358 -7.90 6.16 -29.78
N THR A 359 -9.18 6.35 -29.49
CA THR A 359 -9.95 5.32 -28.79
C THR A 359 -10.00 4.05 -29.64
N GLY A 360 -10.10 2.92 -28.98
CA GLY A 360 -10.13 1.66 -29.71
C GLY A 360 -9.47 0.58 -28.88
N THR A 361 -9.43 -0.62 -29.42
CA THR A 361 -8.84 -1.78 -28.77
C THR A 361 -7.60 -2.15 -29.56
N TYR A 362 -6.47 -2.30 -28.88
CA TYR A 362 -5.23 -2.61 -29.56
C TYR A 362 -4.61 -3.90 -29.09
N SER A 363 -4.54 -4.86 -30.00
CA SER A 363 -3.97 -6.16 -29.67
C SER A 363 -2.48 -6.04 -29.41
N SER A 364 -1.92 -6.98 -28.65
CA SER A 364 -0.50 -6.96 -28.31
C SER A 364 0.44 -7.10 -29.51
N SER A 365 -0.08 -7.53 -30.66
CA SER A 365 0.77 -7.66 -31.83
C SER A 365 0.67 -6.43 -32.75
N SER A 366 -0.19 -5.48 -32.39
CA SER A 366 -0.37 -4.30 -33.22
C SER A 366 0.73 -3.27 -33.03
N SER A 367 0.90 -2.45 -34.07
N SER A 367 0.92 -2.46 -34.07
CA SER A 367 1.88 -1.38 -34.08
CA SER A 367 1.91 -1.40 -34.06
C SER A 367 1.58 -0.37 -32.98
C SER A 367 1.58 -0.36 -32.99
N THR A 368 0.30 -0.02 -32.83
CA THR A 368 -0.08 0.95 -31.81
C THR A 368 0.23 0.45 -30.40
N TYR A 369 -0.05 -0.83 -30.14
CA TYR A 369 0.21 -1.42 -28.83
C TYR A 369 1.71 -1.24 -28.51
N SER A 370 2.55 -1.70 -29.44
N SER A 370 2.54 -1.69 -29.43
CA SER A 370 4.01 -1.61 -29.28
CA SER A 370 3.99 -1.61 -29.29
C SER A 370 4.52 -0.20 -29.01
C SER A 370 4.47 -0.19 -28.95
N SER A 371 3.99 0.79 -29.70
CA SER A 371 4.39 2.18 -29.49
C SER A 371 3.98 2.67 -28.10
N ILE A 372 2.74 2.36 -27.72
CA ILE A 372 2.23 2.76 -26.43
C ILE A 372 2.96 2.14 -25.23
N VAL A 373 3.17 0.82 -25.22
CA VAL A 373 3.84 0.20 -24.09
C VAL A 373 5.29 0.67 -23.95
N SER A 374 5.95 0.95 -25.07
N SER A 374 5.96 0.94 -25.07
CA SER A 374 7.33 1.43 -25.03
CA SER A 374 7.33 1.43 -25.04
C SER A 374 7.32 2.80 -24.36
C SER A 374 7.34 2.81 -24.37
N ALA A 375 6.39 3.65 -24.77
CA ALA A 375 6.28 5.00 -24.21
C ALA A 375 5.94 4.92 -22.70
N VAL A 376 5.04 4.02 -22.33
CA VAL A 376 4.64 3.86 -20.93
C VAL A 376 5.80 3.35 -20.06
N LYS A 377 6.56 2.38 -20.56
CA LYS A 377 7.69 1.83 -19.82
C LYS A 377 8.73 2.91 -19.59
N THR A 378 8.99 3.71 -20.62
CA THR A 378 9.98 4.80 -20.52
C THR A 378 9.55 5.83 -19.48
N PHE A 379 8.27 6.18 -19.52
CA PHE A 379 7.67 7.14 -18.61
C PHE A 379 7.83 6.63 -17.17
N ALA A 380 7.47 5.36 -16.95
CA ALA A 380 7.55 4.74 -15.62
C ALA A 380 9.00 4.73 -15.10
N ASP A 381 9.93 4.27 -15.93
CA ASP A 381 11.34 4.24 -15.56
C ASP A 381 11.83 5.64 -15.21
N GLY A 382 11.23 6.64 -15.85
CA GLY A 382 11.58 8.03 -15.59
C GLY A 382 11.38 8.39 -14.12
N PHE A 383 10.27 7.94 -13.53
CA PHE A 383 10.03 8.23 -12.12
C PHE A 383 11.10 7.55 -11.28
N VAL A 384 11.47 6.33 -11.64
CA VAL A 384 12.49 5.64 -10.87
C VAL A 384 13.87 6.33 -10.97
N SER A 385 14.16 6.95 -12.11
CA SER A 385 15.43 7.66 -12.29
C SER A 385 15.52 8.88 -11.39
N ILE A 386 14.38 9.55 -11.21
CA ILE A 386 14.33 10.71 -10.36
C ILE A 386 14.69 10.28 -8.92
N VAL A 387 14.21 9.10 -8.52
CA VAL A 387 14.51 8.59 -7.20
C VAL A 387 16.00 8.28 -7.11
N GLU A 388 16.52 7.58 -8.11
CA GLU A 388 17.94 7.24 -8.15
C GLU A 388 18.81 8.49 -8.03
N THR A 389 18.42 9.53 -8.73
CA THR A 389 19.14 10.81 -8.75
C THR A 389 19.21 11.49 -7.38
N HIS A 390 18.19 11.31 -6.56
CA HIS A 390 18.17 11.98 -5.26
C HIS A 390 18.43 11.13 -4.04
N ALA A 391 18.64 9.83 -4.23
CA ALA A 391 18.95 8.93 -3.13
C ALA A 391 20.37 9.30 -2.69
N ALA A 392 20.74 8.95 -1.46
CA ALA A 392 22.09 9.25 -0.99
C ALA A 392 23.05 8.29 -1.71
N SER A 393 24.33 8.65 -1.76
CA SER A 393 25.33 7.84 -2.44
C SER A 393 25.40 6.41 -1.95
N ASN A 394 25.08 6.17 -0.70
CA ASN A 394 25.12 4.79 -0.22
C ASN A 394 23.76 4.10 -0.35
N GLY A 395 22.80 4.77 -0.98
CA GLY A 395 21.49 4.19 -1.15
C GLY A 395 20.42 4.60 -0.15
N SER A 396 20.77 5.38 0.87
CA SER A 396 19.77 5.80 1.84
C SER A 396 18.62 6.58 1.24
N LEU A 397 17.42 6.24 1.69
CA LEU A 397 16.20 6.89 1.24
C LEU A 397 15.50 7.47 2.44
N SER A 398 15.32 8.77 2.46
CA SER A 398 14.63 9.45 3.54
C SER A 398 13.14 9.49 3.19
N GLU A 399 12.37 10.28 3.92
CA GLU A 399 10.96 10.41 3.65
C GLU A 399 10.72 11.33 2.44
N GLN A 400 11.41 12.46 2.43
CA GLN A 400 11.22 13.45 1.37
C GLN A 400 12.54 13.92 0.75
N PHE A 401 12.42 14.57 -0.41
CA PHE A 401 13.58 15.20 -1.06
C PHE A 401 13.11 16.59 -1.47
N ASP A 402 13.99 17.56 -1.27
CA ASP A 402 13.68 18.94 -1.49
C ASP A 402 13.10 19.33 -2.82
N LYS A 403 12.02 20.10 -2.76
CA LYS A 403 11.28 20.58 -3.94
C LYS A 403 12.11 21.44 -4.89
N SER A 404 13.17 22.06 -4.36
CA SER A 404 14.05 22.91 -5.15
C SER A 404 15.40 22.31 -5.50
N ASP A 405 16.11 21.77 -4.50
CA ASP A 405 17.43 21.19 -4.74
C ASP A 405 17.51 19.68 -4.65
N GLY A 406 16.40 19.03 -4.26
CA GLY A 406 16.38 17.58 -4.20
C GLY A 406 17.16 16.93 -3.08
N ASP A 407 17.60 17.70 -2.10
CA ASP A 407 18.33 17.13 -0.97
C ASP A 407 17.37 16.36 -0.10
N GLU A 408 17.83 15.28 0.52
CA GLU A 408 16.95 14.50 1.39
C GLU A 408 16.58 15.29 2.65
N LEU A 409 15.32 15.17 3.07
CA LEU A 409 14.87 15.84 4.27
C LEU A 409 13.83 15.02 5.01
N SER A 410 13.46 15.48 6.20
CA SER A 410 12.52 14.82 7.10
C SER A 410 13.17 13.51 7.59
N ALA A 411 12.38 12.55 8.04
CA ALA A 411 12.92 11.30 8.60
C ALA A 411 13.90 10.56 7.71
N ARG A 412 15.08 10.26 8.23
CA ARG A 412 16.09 9.54 7.44
C ARG A 412 15.77 8.05 7.45
N ASP A 413 16.30 7.33 6.48
CA ASP A 413 16.13 5.88 6.36
C ASP A 413 14.72 5.41 6.71
N LEU A 414 13.72 5.96 6.03
CA LEU A 414 12.32 5.61 6.27
C LEU A 414 12.05 4.20 5.76
N THR A 415 11.66 3.30 6.67
CA THR A 415 11.37 1.91 6.31
C THR A 415 10.37 1.80 5.15
N TRP A 416 9.32 2.61 5.16
CA TRP A 416 8.33 2.58 4.09
C TRP A 416 8.99 2.94 2.75
N SER A 417 9.92 3.90 2.73
CA SER A 417 10.60 4.26 1.49
C SER A 417 11.28 3.04 0.87
N TYR A 418 11.93 2.23 1.71
CA TYR A 418 12.61 1.02 1.24
C TYR A 418 11.67 -0.05 0.72
N ALA A 419 10.51 -0.21 1.37
CA ALA A 419 9.54 -1.21 0.93
C ALA A 419 8.94 -0.79 -0.43
N ALA A 420 8.73 0.51 -0.59
CA ALA A 420 8.20 1.05 -1.82
C ALA A 420 9.19 0.81 -2.97
N LEU A 421 10.48 0.86 -2.67
CA LEU A 421 11.52 0.60 -3.67
C LEU A 421 11.47 -0.87 -4.06
N LEU A 422 11.36 -1.74 -3.08
CA LEU A 422 11.29 -3.17 -3.36
C LEU A 422 10.09 -3.58 -4.21
N THR A 423 8.92 -3.03 -3.92
CA THR A 423 7.74 -3.38 -4.71
C THR A 423 7.77 -2.81 -6.13
N ALA A 424 8.27 -1.58 -6.30
CA ALA A 424 8.35 -0.99 -7.62
C ALA A 424 9.33 -1.81 -8.47
N ASN A 425 10.45 -2.20 -7.86
CA ASN A 425 11.46 -2.98 -8.56
C ASN A 425 10.87 -4.33 -8.95
N ASN A 426 10.13 -4.95 -8.04
CA ASN A 426 9.52 -6.25 -8.34
C ASN A 426 8.55 -6.18 -9.51
N ARG A 427 7.63 -5.22 -9.48
CA ARG A 427 6.65 -5.07 -10.54
C ARG A 427 7.33 -4.78 -11.88
N ARG A 428 8.38 -3.97 -11.84
CA ARG A 428 9.16 -3.63 -13.01
C ARG A 428 9.68 -4.91 -13.66
N ASN A 429 10.02 -5.88 -12.82
CA ASN A 429 10.53 -7.18 -13.26
C ASN A 429 9.42 -8.20 -13.42
N SER A 430 8.17 -7.75 -13.43
CA SER A 430 7.02 -8.64 -13.58
C SER A 430 6.86 -9.63 -12.43
N VAL A 431 7.30 -9.25 -11.25
CA VAL A 431 7.13 -10.12 -10.09
C VAL A 431 5.93 -9.55 -9.39
N VAL A 432 4.83 -10.30 -9.43
CA VAL A 432 3.56 -9.85 -8.88
C VAL A 432 3.18 -10.56 -7.58
N PRO A 433 2.32 -9.92 -6.77
CA PRO A 433 1.89 -10.51 -5.50
C PRO A 433 0.77 -11.50 -5.75
N PRO A 434 0.50 -12.36 -4.76
CA PRO A 434 -0.58 -13.33 -4.90
C PRO A 434 -1.92 -12.60 -5.08
N SER A 435 -2.84 -13.24 -5.79
CA SER A 435 -4.18 -12.67 -6.02
C SER A 435 -4.97 -12.61 -4.71
N TRP A 436 -5.90 -11.66 -4.60
CA TRP A 436 -6.72 -11.57 -3.39
C TRP A 436 -8.18 -11.87 -3.68
N GLY A 437 -8.48 -12.31 -4.90
CA GLY A 437 -9.84 -12.66 -5.25
C GLY A 437 -10.65 -11.55 -5.85
N GLU A 438 -10.00 -10.56 -6.46
CA GLU A 438 -10.71 -9.45 -7.06
C GLU A 438 -11.72 -9.91 -8.11
N THR A 439 -11.40 -10.98 -8.83
CA THR A 439 -12.30 -11.44 -9.88
C THR A 439 -13.67 -11.87 -9.43
N SER A 440 -13.88 -12.05 -8.14
CA SER A 440 -15.20 -12.41 -7.66
C SER A 440 -15.65 -11.37 -6.63
N ALA A 441 -15.04 -10.18 -6.69
CA ALA A 441 -15.37 -9.14 -5.74
C ALA A 441 -15.34 -7.76 -6.39
N SER A 442 -15.81 -7.66 -7.62
CA SER A 442 -15.83 -6.38 -8.28
C SER A 442 -17.25 -6.02 -8.70
N SER A 443 -18.21 -6.82 -8.29
CA SER A 443 -19.60 -6.56 -8.61
C SER A 443 -20.20 -5.55 -7.63
N VAL A 444 -20.74 -4.45 -8.15
CA VAL A 444 -21.30 -3.41 -7.29
C VAL A 444 -22.80 -3.60 -7.05
N PRO A 445 -23.24 -3.54 -5.78
CA PRO A 445 -24.67 -3.70 -5.48
C PRO A 445 -25.48 -2.57 -6.13
N GLY A 446 -26.75 -2.85 -6.42
CA GLY A 446 -27.61 -1.84 -7.04
C GLY A 446 -27.88 -0.65 -6.15
N THR A 447 -27.83 -0.86 -4.84
CA THR A 447 -28.10 0.23 -3.89
C THR A 447 -27.13 0.13 -2.70
N CYS A 448 -26.48 1.24 -2.41
CA CYS A 448 -25.53 1.33 -1.31
C CYS A 448 -26.29 1.64 -0.03
N ALA A 449 -25.87 1.04 1.08
CA ALA A 449 -26.49 1.26 2.37
C ALA A 449 -25.42 1.66 3.37
N ALA A 450 -25.73 2.64 4.21
CA ALA A 450 -24.82 3.08 5.27
C ALA A 450 -25.08 1.98 6.29
N THR A 451 -24.08 1.13 6.55
N THR A 451 -24.10 1.10 6.49
CA THR A 451 -24.28 0.05 7.49
CA THR A 451 -24.29 -0.03 7.40
C THR A 451 -22.98 -0.46 8.10
C THR A 451 -22.98 -0.50 8.02
N SER A 452 -23.06 -1.58 8.81
CA SER A 452 -21.92 -2.19 9.47
C SER A 452 -22.40 -3.58 9.91
N ALA A 453 -21.49 -4.37 10.44
CA ALA A 453 -21.79 -5.69 10.97
C ALA A 453 -20.73 -5.85 12.04
N SER A 454 -21.13 -6.34 13.20
N SER A 454 -21.13 -6.34 13.20
CA SER A 454 -20.17 -6.54 14.27
CA SER A 454 -20.17 -6.53 14.27
C SER A 454 -19.71 -7.99 14.24
C SER A 454 -19.71 -7.99 14.25
N GLY A 455 -18.40 -8.19 14.33
CA GLY A 455 -17.87 -9.54 14.29
C GLY A 455 -17.67 -10.07 15.69
N THR A 456 -16.43 -10.43 15.98
CA THR A 456 -16.11 -10.95 17.28
C THR A 456 -14.67 -10.63 17.68
N TYR A 457 -14.46 -10.48 18.97
CA TYR A 457 -13.15 -10.15 19.49
C TYR A 457 -12.72 -11.14 20.57
N SER A 458 -11.45 -11.52 20.53
CA SER A 458 -10.90 -12.43 21.52
C SER A 458 -9.38 -12.30 21.53
N SER A 459 -8.82 -12.15 22.72
CA SER A 459 -7.39 -11.99 22.88
C SER A 459 -6.58 -13.25 22.54
N VAL A 460 -5.54 -13.06 21.74
CA VAL A 460 -4.69 -14.18 21.30
C VAL A 460 -3.39 -14.21 22.09
N THR A 461 -3.00 -15.42 22.48
CA THR A 461 -1.75 -15.62 23.22
C THR A 461 -0.93 -16.55 22.38
N VAL A 462 0.25 -16.12 21.99
CA VAL A 462 1.11 -16.97 21.19
C VAL A 462 2.05 -17.73 22.11
N THR A 463 1.63 -18.95 22.46
CA THR A 463 2.40 -19.83 23.34
C THR A 463 3.77 -20.14 22.73
N SER A 464 3.79 -20.60 21.47
CA SER A 464 5.03 -20.92 20.79
C SER A 464 4.80 -21.14 19.30
N TRP A 465 5.88 -21.02 18.53
CA TRP A 465 5.81 -21.25 17.10
C TRP A 465 6.34 -22.64 16.81
N PRO A 466 5.62 -23.42 15.98
CA PRO A 466 6.12 -24.76 15.66
C PRO A 466 7.45 -24.60 14.92
N SER A 467 8.29 -25.63 14.95
CA SER A 467 9.57 -25.57 14.28
C SER A 467 9.30 -25.60 12.78
N ILE A 468 9.10 -24.42 12.21
CA ILE A 468 8.81 -24.27 10.80
C ILE A 468 10.11 -24.20 10.02
N VAL A 469 10.24 -25.06 9.02
CA VAL A 469 11.40 -25.07 8.18
C VAL A 469 10.94 -24.60 6.81
N ALA A 470 11.51 -23.49 6.36
CA ALA A 470 11.14 -22.94 5.06
C ALA A 470 12.32 -23.10 4.15
N THR A 471 12.11 -23.85 3.08
CA THR A 471 13.14 -24.09 2.09
C THR A 471 12.53 -23.78 0.72
#